data_2AX9
#
_entry.id   2AX9
#
_cell.length_a   55.379
_cell.length_b   66.012
_cell.length_c   69.055
_cell.angle_alpha   90.00
_cell.angle_beta   90.00
_cell.angle_gamma   90.00
#
_symmetry.space_group_name_H-M   'P 21 21 21'
#
loop_
_entity.id
_entity.type
_entity.pdbx_description
1 polymer 'Androgen receptor'
2 non-polymer (R)-3-BROMO-2-HYDROXY-2-METHYL-N-[4-NITRO-3-(TRIFLUOROMETHYL)PHENYL]PROPANAMIDE
3 water water
#
_entity_poly.entity_id   1
_entity_poly.type   'polypeptide(L)'
_entity_poly.pdbx_seq_one_letter_code
;IEGYECQPIFLNVLEAIEPGVVCAGHDNNQPDSFAALLSSLNELGERQLVHVVKWAKALPGFRNLHVDDQMAVIQYSWMG
LMVFAMGWRSFTNVNSRMLYFAPDLVFNEYRMHKSRMYSQCVRMRHLSQEFGWLQITPQEFLCMKALLLFSIIPVDGLKN
QKFFDELRMNYIKELDRIIACKRKNPTSCSRRFYQLTKLLDSVQPIARELHQFTFDLLIKSHMVSVDFPEMMAEIISVQV
PKILSGKVKPIYFHTQ
;
_entity_poly.pdbx_strand_id   A
#
# COMPACT_ATOMS: atom_id res chain seq x y z
N ILE A 9 -2.71 19.92 -14.82
CA ILE A 9 -1.61 19.06 -15.37
C ILE A 9 -1.27 17.93 -14.41
N PHE A 10 -0.95 18.28 -13.16
CA PHE A 10 -0.60 17.29 -12.16
C PHE A 10 -1.66 16.20 -12.00
N LEU A 11 -2.91 16.61 -11.79
CA LEU A 11 -4.00 15.64 -11.62
C LEU A 11 -4.31 14.87 -12.89
N ASN A 12 -4.10 15.51 -14.04
CA ASN A 12 -4.33 14.83 -15.32
C ASN A 12 -3.39 13.62 -15.37
N VAL A 13 -2.15 13.83 -14.95
CA VAL A 13 -1.17 12.74 -14.96
C VAL A 13 -1.55 11.61 -14.01
N LEU A 14 -1.81 11.94 -12.74
CA LEU A 14 -2.16 10.91 -11.75
C LEU A 14 -3.34 10.05 -12.22
N GLU A 15 -4.36 10.68 -12.78
CA GLU A 15 -5.52 9.95 -13.28
C GLU A 15 -5.13 9.06 -14.45
N ALA A 16 -4.29 9.57 -15.33
CA ALA A 16 -3.85 8.83 -16.52
C ALA A 16 -3.03 7.58 -16.22
N ILE A 17 -2.21 7.62 -15.18
CA ILE A 17 -1.37 6.46 -14.86
C ILE A 17 -1.92 5.51 -13.80
N GLU A 18 -3.06 5.86 -13.21
CA GLU A 18 -3.69 5.02 -12.19
C GLU A 18 -3.93 3.59 -12.69
N PRO A 19 -3.38 2.59 -11.98
CA PRO A 19 -3.53 1.18 -12.35
C PRO A 19 -4.96 0.73 -12.55
N GLY A 20 -5.16 -0.15 -13.53
CA GLY A 20 -6.48 -0.67 -13.80
C GLY A 20 -6.76 -1.83 -12.87
N VAL A 21 -7.77 -2.64 -13.22
CA VAL A 21 -8.16 -3.79 -12.42
C VAL A 21 -7.09 -4.87 -12.40
N VAL A 22 -6.79 -5.39 -11.21
CA VAL A 22 -5.81 -6.46 -11.07
C VAL A 22 -6.50 -7.64 -10.38
N CYS A 23 -6.44 -8.81 -11.00
CA CYS A 23 -7.06 -10.01 -10.44
C CYS A 23 -6.04 -10.89 -9.76
N ALA A 24 -6.50 -11.68 -8.79
CA ALA A 24 -5.63 -12.58 -8.03
C ALA A 24 -5.44 -13.96 -8.64
N GLY A 25 -6.43 -14.41 -9.41
CA GLY A 25 -6.35 -15.73 -10.01
C GLY A 25 -6.82 -16.82 -9.05
N HIS A 26 -7.48 -16.40 -7.97
CA HIS A 26 -7.97 -17.30 -6.93
C HIS A 26 -9.11 -18.21 -7.37
N ASP A 27 -9.16 -19.43 -6.82
CA ASP A 27 -10.23 -20.35 -7.16
C ASP A 27 -11.34 -20.23 -6.13
N ASN A 28 -12.38 -19.47 -6.48
CA ASN A 28 -13.51 -19.25 -5.59
C ASN A 28 -14.54 -20.36 -5.66
N ASN A 29 -14.36 -21.29 -6.59
CA ASN A 29 -15.30 -22.40 -6.73
C ASN A 29 -14.82 -23.57 -5.89
N GLN A 30 -14.06 -23.26 -4.85
CA GLN A 30 -13.50 -24.25 -3.96
C GLN A 30 -13.63 -23.73 -2.52
N PRO A 31 -13.81 -24.63 -1.54
CA PRO A 31 -13.93 -24.21 -0.13
C PRO A 31 -12.70 -23.44 0.32
N ASP A 32 -12.89 -22.43 1.16
CA ASP A 32 -11.79 -21.61 1.65
C ASP A 32 -10.81 -22.38 2.54
N SER A 33 -9.52 -22.14 2.33
CA SER A 33 -8.49 -22.76 3.14
C SER A 33 -7.39 -21.72 3.34
N PHE A 34 -6.69 -21.80 4.46
CA PHE A 34 -5.62 -20.86 4.76
C PHE A 34 -4.56 -20.86 3.67
N ALA A 35 -4.10 -22.05 3.30
CA ALA A 35 -3.06 -22.18 2.28
C ALA A 35 -3.44 -21.58 0.92
N ALA A 36 -4.67 -21.81 0.47
CA ALA A 36 -5.10 -21.28 -0.82
C ALA A 36 -5.34 -19.77 -0.76
N LEU A 37 -5.94 -19.28 0.32
CA LEU A 37 -6.19 -17.86 0.46
C LEU A 37 -4.88 -17.07 0.53
N LEU A 38 -3.92 -17.56 1.32
CA LEU A 38 -2.65 -16.86 1.43
C LEU A 38 -1.79 -16.96 0.18
N SER A 39 -1.84 -18.09 -0.52
CA SER A 39 -1.06 -18.21 -1.74
C SER A 39 -1.61 -17.18 -2.75
N SER A 40 -2.92 -16.99 -2.76
CA SER A 40 -3.54 -16.03 -3.66
C SER A 40 -3.24 -14.59 -3.23
N LEU A 41 -3.19 -14.33 -1.93
CA LEU A 41 -2.86 -12.97 -1.49
C LEU A 41 -1.42 -12.67 -1.92
N ASN A 42 -0.53 -13.65 -1.81
CA ASN A 42 0.87 -13.47 -2.20
C ASN A 42 1.00 -13.24 -3.70
N GLU A 43 0.27 -14.02 -4.48
CA GLU A 43 0.30 -13.91 -5.93
C GLU A 43 -0.24 -12.55 -6.34
N LEU A 44 -1.33 -12.11 -5.69
CA LEU A 44 -1.93 -10.82 -5.97
C LEU A 44 -0.93 -9.72 -5.59
N GLY A 45 -0.25 -9.92 -4.46
CA GLY A 45 0.73 -8.95 -4.02
C GLY A 45 1.80 -8.74 -5.08
N GLU A 46 2.23 -9.81 -5.72
CA GLU A 46 3.24 -9.70 -6.75
C GLU A 46 2.68 -9.06 -8.01
N ARG A 47 1.43 -9.38 -8.36
CA ARG A 47 0.83 -8.80 -9.55
C ARG A 47 0.67 -7.31 -9.35
N GLN A 48 0.27 -6.91 -8.16
CA GLN A 48 0.11 -5.49 -7.86
C GLN A 48 1.46 -4.77 -7.84
N LEU A 49 2.48 -5.41 -7.27
CA LEU A 49 3.81 -4.81 -7.22
C LEU A 49 4.29 -4.44 -8.62
N VAL A 50 4.04 -5.32 -9.58
CA VAL A 50 4.44 -5.08 -10.97
C VAL A 50 3.81 -3.79 -11.46
N HIS A 51 2.56 -3.57 -11.10
CA HIS A 51 1.83 -2.37 -11.51
C HIS A 51 2.28 -1.14 -10.71
N VAL A 52 2.61 -1.35 -9.44
CA VAL A 52 3.06 -0.25 -8.59
C VAL A 52 4.39 0.31 -9.15
N VAL A 53 5.22 -0.59 -9.66
CA VAL A 53 6.50 -0.18 -10.22
C VAL A 53 6.29 0.68 -11.47
N LYS A 54 5.44 0.21 -12.37
CA LYS A 54 5.17 0.95 -13.61
C LYS A 54 4.50 2.29 -13.28
N TRP A 55 3.62 2.27 -12.28
CA TRP A 55 2.91 3.47 -11.84
C TRP A 55 3.89 4.50 -11.28
N ALA A 56 4.74 4.05 -10.35
CA ALA A 56 5.72 4.92 -9.71
C ALA A 56 6.68 5.57 -10.69
N LYS A 57 7.21 4.79 -11.62
CA LYS A 57 8.15 5.30 -12.61
C LYS A 57 7.56 6.32 -13.57
N ALA A 58 6.23 6.40 -13.62
CA ALA A 58 5.55 7.33 -14.50
C ALA A 58 5.02 8.55 -13.73
N LEU A 59 5.35 8.61 -12.44
CA LEU A 59 4.90 9.71 -11.58
C LEU A 59 5.69 11.00 -11.87
N PRO A 60 5.03 12.17 -11.78
CA PRO A 60 5.73 13.43 -12.05
C PRO A 60 6.95 13.57 -11.16
N GLY A 61 8.11 13.84 -11.78
CA GLY A 61 9.34 14.04 -11.04
C GLY A 61 10.04 12.83 -10.45
N PHE A 62 9.48 11.63 -10.61
CA PHE A 62 10.09 10.43 -10.07
C PHE A 62 11.52 10.23 -10.58
N ARG A 63 11.77 10.64 -11.82
CA ARG A 63 13.10 10.50 -12.42
C ARG A 63 14.14 11.42 -11.79
N ASN A 64 13.69 12.34 -10.95
CA ASN A 64 14.60 13.26 -10.27
C ASN A 64 15.36 12.47 -9.21
N LEU A 65 14.80 11.33 -8.83
CA LEU A 65 15.42 10.49 -7.81
C LEU A 65 16.57 9.68 -8.39
N HIS A 66 17.60 9.48 -7.57
CA HIS A 66 18.75 8.69 -7.97
C HIS A 66 18.22 7.29 -8.27
N VAL A 67 18.76 6.67 -9.31
CA VAL A 67 18.33 5.33 -9.72
C VAL A 67 18.23 4.33 -8.56
N ASP A 68 19.17 4.39 -7.63
CA ASP A 68 19.19 3.47 -6.51
C ASP A 68 18.03 3.70 -5.53
N ASP A 69 17.65 4.96 -5.37
CA ASP A 69 16.57 5.31 -4.46
C ASP A 69 15.18 5.07 -5.03
N GLN A 70 15.09 5.02 -6.36
CA GLN A 70 13.80 4.81 -7.01
C GLN A 70 13.21 3.46 -6.64
N MET A 71 14.03 2.41 -6.73
CA MET A 71 13.55 1.08 -6.41
C MET A 71 13.35 0.88 -4.91
N ALA A 72 14.24 1.46 -4.11
CA ALA A 72 14.15 1.35 -2.65
C ALA A 72 12.84 1.92 -2.13
N VAL A 73 12.51 3.13 -2.56
CA VAL A 73 11.29 3.80 -2.13
C VAL A 73 10.05 2.99 -2.52
N ILE A 74 10.08 2.36 -3.69
CA ILE A 74 8.95 1.55 -4.13
C ILE A 74 8.78 0.33 -3.22
N GLN A 75 9.89 -0.36 -2.98
CA GLN A 75 9.89 -1.57 -2.15
C GLN A 75 9.49 -1.29 -0.71
N TYR A 76 9.96 -0.18 -0.14
CA TYR A 76 9.60 0.14 1.24
C TYR A 76 8.14 0.57 1.36
N SER A 77 7.65 1.30 0.36
CA SER A 77 6.27 1.80 0.40
C SER A 77 5.20 0.90 -0.21
N TRP A 78 5.64 -0.12 -0.91
CA TRP A 78 4.73 -1.06 -1.57
C TRP A 78 3.50 -1.49 -0.76
N MET A 79 3.71 -2.03 0.43
CA MET A 79 2.60 -2.49 1.26
C MET A 79 1.62 -1.38 1.59
N GLY A 80 2.16 -0.23 2.03
CA GLY A 80 1.31 0.89 2.36
C GLY A 80 0.50 1.36 1.16
N LEU A 81 1.13 1.38 0.00
CA LEU A 81 0.43 1.80 -1.23
C LEU A 81 -0.72 0.84 -1.52
N MET A 82 -0.47 -0.45 -1.40
CA MET A 82 -1.50 -1.45 -1.65
C MET A 82 -2.66 -1.32 -0.67
N VAL A 83 -2.33 -1.11 0.60
CA VAL A 83 -3.35 -0.97 1.64
C VAL A 83 -4.30 0.20 1.37
N PHE A 84 -3.71 1.35 1.04
CA PHE A 84 -4.48 2.55 0.78
C PHE A 84 -5.42 2.36 -0.41
N ALA A 85 -4.91 1.78 -1.48
CA ALA A 85 -5.69 1.53 -2.69
C ALA A 85 -6.79 0.51 -2.45
N MET A 86 -6.47 -0.54 -1.70
CA MET A 86 -7.45 -1.57 -1.40
C MET A 86 -8.59 -0.97 -0.58
N GLY A 87 -8.22 -0.10 0.37
CA GLY A 87 -9.24 0.54 1.18
C GLY A 87 -10.18 1.39 0.33
N TRP A 88 -9.62 2.05 -0.68
CA TRP A 88 -10.43 2.89 -1.56
C TRP A 88 -11.36 2.02 -2.41
N ARG A 89 -10.84 0.88 -2.88
CA ARG A 89 -11.65 -0.04 -3.69
C ARG A 89 -12.79 -0.61 -2.87
N SER A 90 -12.51 -0.95 -1.61
CA SER A 90 -13.53 -1.51 -0.73
C SER A 90 -14.63 -0.48 -0.54
N PHE A 91 -14.23 0.77 -0.34
CA PHE A 91 -15.19 1.84 -0.13
C PHE A 91 -16.06 2.08 -1.37
N THR A 92 -15.42 2.24 -2.53
CA THR A 92 -16.15 2.52 -3.75
C THR A 92 -16.92 1.34 -4.36
N ASN A 93 -16.37 0.13 -4.22
CA ASN A 93 -17.02 -1.05 -4.80
C ASN A 93 -18.09 -1.71 -3.95
N VAL A 94 -17.89 -1.77 -2.64
CA VAL A 94 -18.86 -2.42 -1.76
C VAL A 94 -19.20 -1.65 -0.50
N ASN A 95 -18.93 -0.36 -0.51
CA ASN A 95 -19.21 0.51 0.62
C ASN A 95 -18.67 -0.06 1.93
N SER A 96 -17.42 -0.53 1.88
CA SER A 96 -16.74 -1.08 3.04
C SER A 96 -17.39 -2.31 3.67
N ARG A 97 -18.35 -2.90 2.98
CA ARG A 97 -19.03 -4.08 3.51
C ARG A 97 -18.06 -5.27 3.60
N MET A 98 -17.09 -5.29 2.69
CA MET A 98 -16.08 -6.34 2.63
C MET A 98 -14.79 -5.71 2.13
N LEU A 99 -13.69 -6.47 2.23
CA LEU A 99 -12.41 -5.96 1.74
C LEU A 99 -12.24 -6.43 0.30
N TYR A 100 -12.15 -5.47 -0.61
CA TYR A 100 -12.03 -5.76 -2.03
C TYR A 100 -10.57 -5.87 -2.47
N PHE A 101 -9.89 -6.96 -2.10
CA PHE A 101 -8.49 -7.12 -2.50
C PHE A 101 -8.41 -7.15 -4.02
N ALA A 102 -9.38 -7.83 -4.64
CA ALA A 102 -9.47 -7.95 -6.08
C ALA A 102 -10.89 -8.44 -6.39
N PRO A 103 -11.34 -8.28 -7.65
CA PRO A 103 -12.68 -8.73 -8.02
C PRO A 103 -12.89 -10.20 -7.64
N ASP A 104 -11.84 -10.99 -7.78
CA ASP A 104 -11.89 -12.41 -7.48
C ASP A 104 -11.27 -12.78 -6.13
N LEU A 105 -11.17 -11.79 -5.25
CA LEU A 105 -10.63 -12.03 -3.92
C LEU A 105 -11.22 -11.00 -2.97
N VAL A 106 -12.50 -11.17 -2.68
CA VAL A 106 -13.23 -10.29 -1.79
C VAL A 106 -13.37 -10.99 -0.44
N PHE A 107 -12.94 -10.31 0.61
CA PHE A 107 -12.97 -10.87 1.96
C PHE A 107 -14.16 -10.49 2.84
N ASN A 108 -14.89 -11.50 3.31
CA ASN A 108 -15.97 -11.25 4.25
C ASN A 108 -15.31 -11.58 5.60
N GLU A 109 -16.03 -11.43 6.71
CA GLU A 109 -15.43 -11.69 8.02
C GLU A 109 -14.93 -13.13 8.19
N TYR A 110 -15.60 -14.08 7.55
CA TYR A 110 -15.17 -15.48 7.63
C TYR A 110 -13.78 -15.62 7.02
N ARG A 111 -13.57 -14.96 5.88
CA ARG A 111 -12.28 -15.04 5.22
C ARG A 111 -11.22 -14.26 5.98
N MET A 112 -11.62 -13.19 6.64
CA MET A 112 -10.68 -12.39 7.43
C MET A 112 -10.15 -13.27 8.55
N HIS A 113 -11.04 -14.11 9.10
CA HIS A 113 -10.71 -15.02 10.19
C HIS A 113 -9.86 -16.18 9.66
N LYS A 114 -10.30 -16.77 8.55
CA LYS A 114 -9.60 -17.91 7.95
C LYS A 114 -8.18 -17.56 7.56
N SER A 115 -7.95 -16.31 7.14
CA SER A 115 -6.64 -15.85 6.72
C SER A 115 -5.65 -15.65 7.87
N ARG A 116 -6.16 -15.60 9.10
CA ARG A 116 -5.34 -15.39 10.28
C ARG A 116 -4.76 -13.98 10.26
N MET A 117 -5.42 -13.10 9.50
CA MET A 117 -5.02 -11.70 9.37
C MET A 117 -6.20 -10.85 9.81
N TYR A 118 -7.03 -11.41 10.68
CA TYR A 118 -8.23 -10.70 11.11
C TYR A 118 -8.04 -9.29 11.66
N SER A 119 -7.12 -9.12 12.62
CA SER A 119 -6.89 -7.79 13.17
C SER A 119 -6.51 -6.80 12.08
N GLN A 120 -5.56 -7.16 11.23
CA GLN A 120 -5.13 -6.27 10.16
C GLN A 120 -6.29 -5.94 9.22
N CYS A 121 -7.12 -6.94 8.91
CA CYS A 121 -8.27 -6.73 8.03
C CYS A 121 -9.30 -5.77 8.62
N VAL A 122 -9.61 -5.91 9.89
CA VAL A 122 -10.59 -5.02 10.51
C VAL A 122 -10.09 -3.57 10.48
N ARG A 123 -8.79 -3.39 10.62
CA ARG A 123 -8.22 -2.04 10.58
C ARG A 123 -8.30 -1.46 9.17
N MET A 124 -8.15 -2.32 8.16
CA MET A 124 -8.24 -1.86 6.77
C MET A 124 -9.70 -1.59 6.43
N ARG A 125 -10.63 -2.31 7.06
CA ARG A 125 -12.04 -2.08 6.81
C ARG A 125 -12.41 -0.72 7.39
N HIS A 126 -11.80 -0.38 8.52
CA HIS A 126 -12.05 0.89 9.19
C HIS A 126 -11.50 2.01 8.30
N LEU A 127 -10.34 1.76 7.70
CA LEU A 127 -9.71 2.73 6.81
C LEU A 127 -10.67 2.96 5.64
N SER A 128 -11.23 1.87 5.14
CA SER A 128 -12.17 1.92 4.04
C SER A 128 -13.34 2.82 4.40
N GLN A 129 -13.86 2.67 5.61
CA GLN A 129 -15.00 3.48 6.05
C GLN A 129 -14.59 4.95 6.15
N GLU A 130 -13.34 5.18 6.54
CA GLU A 130 -12.79 6.53 6.68
C GLU A 130 -12.93 7.33 5.38
N PHE A 131 -12.70 6.65 4.26
CA PHE A 131 -12.81 7.31 2.97
C PHE A 131 -14.22 7.90 2.84
N GLY A 132 -15.21 7.18 3.35
CA GLY A 132 -16.59 7.64 3.27
C GLY A 132 -16.90 8.71 4.31
N TRP A 133 -16.56 8.44 5.57
CA TRP A 133 -16.83 9.38 6.64
C TRP A 133 -16.19 10.74 6.38
N LEU A 134 -14.96 10.74 5.84
CA LEU A 134 -14.25 11.99 5.56
C LEU A 134 -14.57 12.56 4.17
N GLN A 135 -15.44 11.87 3.44
CA GLN A 135 -15.83 12.30 2.09
C GLN A 135 -14.61 12.60 1.21
N ILE A 136 -13.63 11.70 1.26
CA ILE A 136 -12.43 11.86 0.46
C ILE A 136 -12.78 11.81 -1.02
N THR A 137 -12.29 12.79 -1.77
CA THR A 137 -12.58 12.86 -3.20
C THR A 137 -11.58 11.99 -3.97
N PRO A 138 -11.95 11.58 -5.19
CA PRO A 138 -11.05 10.74 -6.01
C PRO A 138 -9.71 11.43 -6.23
N GLN A 139 -9.74 12.76 -6.34
CA GLN A 139 -8.52 13.52 -6.57
C GLN A 139 -7.68 13.58 -5.30
N GLU A 140 -8.33 13.75 -4.14
CA GLU A 140 -7.57 13.76 -2.89
C GLU A 140 -6.94 12.38 -2.74
N PHE A 141 -7.72 11.35 -3.08
CA PHE A 141 -7.23 9.97 -3.00
C PHE A 141 -5.99 9.79 -3.85
N LEU A 142 -6.04 10.25 -5.09
CA LEU A 142 -4.90 10.10 -6.00
C LEU A 142 -3.64 10.80 -5.48
N CYS A 143 -3.80 12.03 -5.01
CA CYS A 143 -2.65 12.78 -4.53
C CYS A 143 -2.10 12.18 -3.25
N MET A 144 -3.00 11.74 -2.38
CA MET A 144 -2.57 11.12 -1.13
C MET A 144 -1.78 9.84 -1.38
N LYS A 145 -2.25 9.03 -2.33
CA LYS A 145 -1.58 7.77 -2.63
C LYS A 145 -0.18 8.01 -3.17
N ALA A 146 -0.03 9.00 -4.05
CA ALA A 146 1.28 9.32 -4.60
C ALA A 146 2.20 9.76 -3.45
N LEU A 147 1.66 10.54 -2.52
CA LEU A 147 2.44 11.02 -1.39
C LEU A 147 2.93 9.85 -0.53
N LEU A 148 2.14 8.77 -0.47
CA LEU A 148 2.49 7.59 0.31
C LEU A 148 3.81 6.98 -0.17
N LEU A 149 4.07 7.11 -1.46
CA LEU A 149 5.29 6.56 -2.04
C LEU A 149 6.52 7.22 -1.42
N PHE A 150 6.40 8.50 -1.05
CA PHE A 150 7.51 9.24 -0.46
C PHE A 150 7.32 9.47 1.03
N SER A 151 6.90 8.42 1.74
CA SER A 151 6.64 8.54 3.17
C SER A 151 7.38 7.55 4.08
N ILE A 152 8.41 6.89 3.57
CA ILE A 152 9.19 5.94 4.36
C ILE A 152 10.60 5.84 3.79
N ILE A 153 11.60 6.12 4.62
CA ILE A 153 13.00 6.08 4.19
C ILE A 153 13.98 5.57 5.24
N PRO A 154 15.19 5.20 4.80
CA PRO A 154 16.25 4.68 5.68
C PRO A 154 16.86 5.73 6.59
N VAL A 155 17.08 5.35 7.84
CA VAL A 155 17.69 6.23 8.83
C VAL A 155 19.07 6.66 8.35
N ASP A 156 19.77 5.78 7.65
CA ASP A 156 21.11 6.08 7.15
C ASP A 156 21.05 6.90 5.86
N GLY A 157 19.85 7.34 5.49
CA GLY A 157 19.68 8.16 4.30
C GLY A 157 19.73 7.49 2.94
N LEU A 158 19.09 8.13 1.96
CA LEU A 158 19.07 7.63 0.59
C LEU A 158 20.35 8.11 -0.10
N LYS A 159 20.62 7.59 -1.30
CA LYS A 159 21.81 7.97 -2.06
C LYS A 159 21.86 9.48 -2.23
N ASN A 160 20.70 10.07 -2.48
CA ASN A 160 20.59 11.52 -2.62
C ASN A 160 19.31 11.92 -1.91
N GLN A 161 19.42 12.11 -0.61
CA GLN A 161 18.29 12.48 0.23
C GLN A 161 17.67 13.80 -0.20
N LYS A 162 18.50 14.74 -0.62
CA LYS A 162 18.00 16.05 -1.05
C LYS A 162 16.98 16.00 -2.17
N PHE A 163 17.24 15.20 -3.21
CA PHE A 163 16.28 15.10 -4.30
C PHE A 163 14.96 14.51 -3.81
N PHE A 164 15.04 13.57 -2.87
CA PHE A 164 13.84 12.95 -2.31
C PHE A 164 13.06 13.99 -1.50
N ASP A 165 13.78 14.76 -0.70
CA ASP A 165 13.14 15.77 0.13
C ASP A 165 12.42 16.80 -0.73
N GLU A 166 13.03 17.15 -1.86
CA GLU A 166 12.43 18.11 -2.78
C GLU A 166 11.13 17.57 -3.38
N LEU A 167 11.19 16.32 -3.84
CA LEU A 167 10.04 15.70 -4.47
C LEU A 167 8.88 15.56 -3.48
N ARG A 168 9.18 15.10 -2.27
CA ARG A 168 8.14 14.94 -1.25
C ARG A 168 7.50 16.29 -0.94
N MET A 169 8.32 17.33 -0.86
CA MET A 169 7.79 18.67 -0.59
C MET A 169 6.85 19.08 -1.71
N ASN A 170 7.27 18.80 -2.95
CA ASN A 170 6.46 19.14 -4.11
C ASN A 170 5.12 18.43 -4.08
N TYR A 171 5.10 17.17 -3.65
CA TYR A 171 3.86 16.43 -3.59
C TYR A 171 2.95 16.97 -2.48
N ILE A 172 3.55 17.44 -1.39
CA ILE A 172 2.75 18.01 -0.30
C ILE A 172 2.13 19.30 -0.83
N LYS A 173 2.88 20.03 -1.64
CA LYS A 173 2.39 21.28 -2.22
C LYS A 173 1.17 21.00 -3.11
N GLU A 174 1.22 19.90 -3.87
CA GLU A 174 0.10 19.57 -4.74
C GLU A 174 -1.14 19.24 -3.91
N LEU A 175 -0.92 18.69 -2.72
CA LEU A 175 -2.05 18.36 -1.85
C LEU A 175 -2.64 19.67 -1.35
N ASP A 176 -1.78 20.61 -0.99
CA ASP A 176 -2.23 21.92 -0.53
C ASP A 176 -3.16 22.53 -1.58
N ARG A 177 -2.73 22.47 -2.83
CA ARG A 177 -3.49 23.03 -3.95
C ARG A 177 -4.83 22.36 -4.13
N ILE A 178 -4.86 21.04 -4.03
CA ILE A 178 -6.12 20.31 -4.18
C ILE A 178 -7.08 20.76 -3.10
N ILE A 179 -6.57 20.85 -1.88
CA ILE A 179 -7.35 21.28 -0.73
C ILE A 179 -7.86 22.72 -0.90
N ALA A 180 -7.00 23.59 -1.44
CA ALA A 180 -7.37 24.98 -1.63
C ALA A 180 -8.34 25.12 -2.81
N CYS A 189 -9.01 25.16 4.99
CA CYS A 189 -7.95 24.34 4.41
C CYS A 189 -7.14 23.64 5.50
N SER A 190 -6.83 24.37 6.57
CA SER A 190 -6.07 23.81 7.69
C SER A 190 -6.75 22.58 8.26
N ARG A 191 -8.06 22.66 8.47
CA ARG A 191 -8.80 21.53 9.02
C ARG A 191 -8.78 20.32 8.10
N ARG A 192 -8.80 20.56 6.79
CA ARG A 192 -8.78 19.46 5.84
C ARG A 192 -7.39 18.83 5.79
N PHE A 193 -6.35 19.66 5.78
CA PHE A 193 -4.99 19.13 5.75
C PHE A 193 -4.78 18.27 7.00
N TYR A 194 -5.35 18.70 8.12
CA TYR A 194 -5.22 17.95 9.38
C TYR A 194 -5.85 16.56 9.21
N GLN A 195 -7.07 16.53 8.70
CA GLN A 195 -7.78 15.28 8.51
C GLN A 195 -7.04 14.32 7.59
N LEU A 196 -6.61 14.82 6.43
CA LEU A 196 -5.92 14.00 5.46
C LEU A 196 -4.57 13.48 5.92
N THR A 197 -3.78 14.33 6.57
CA THR A 197 -2.48 13.87 7.06
C THR A 197 -2.68 12.85 8.19
N LYS A 198 -3.76 13.01 8.95
CA LYS A 198 -4.03 12.07 10.03
C LYS A 198 -4.36 10.72 9.38
N LEU A 199 -5.13 10.76 8.31
CA LEU A 199 -5.51 9.53 7.61
C LEU A 199 -4.28 8.86 7.02
N LEU A 200 -3.41 9.64 6.39
CA LEU A 200 -2.19 9.12 5.80
C LEU A 200 -1.33 8.44 6.85
N ASP A 201 -1.21 9.06 8.02
CA ASP A 201 -0.42 8.50 9.10
C ASP A 201 -0.95 7.13 9.53
N SER A 202 -2.28 6.98 9.56
CA SER A 202 -2.89 5.73 10.00
C SER A 202 -2.56 4.52 9.13
N VAL A 203 -2.14 4.77 7.89
CA VAL A 203 -1.82 3.68 6.99
C VAL A 203 -0.56 2.93 7.45
N GLN A 204 0.44 3.68 7.93
CA GLN A 204 1.71 3.10 8.35
C GLN A 204 1.63 1.96 9.37
N PRO A 205 0.89 2.14 10.48
CA PRO A 205 0.79 1.07 11.49
C PRO A 205 0.15 -0.19 10.93
N ILE A 206 -0.74 -0.01 9.96
CA ILE A 206 -1.41 -1.14 9.34
C ILE A 206 -0.39 -1.88 8.47
N ALA A 207 0.36 -1.13 7.67
CA ALA A 207 1.38 -1.75 6.81
C ALA A 207 2.38 -2.51 7.69
N ARG A 208 2.71 -1.93 8.84
CA ARG A 208 3.65 -2.53 9.79
C ARG A 208 3.13 -3.89 10.27
N GLU A 209 1.85 -3.94 10.65
CA GLU A 209 1.27 -5.20 11.10
C GLU A 209 1.25 -6.24 9.99
N LEU A 210 0.99 -5.80 8.76
CA LEU A 210 0.98 -6.72 7.62
C LEU A 210 2.39 -7.18 7.34
N HIS A 211 3.35 -6.27 7.45
CA HIS A 211 4.76 -6.61 7.23
C HIS A 211 5.18 -7.71 8.20
N GLN A 212 4.85 -7.54 9.48
CA GLN A 212 5.21 -8.52 10.49
C GLN A 212 4.58 -9.88 10.20
N PHE A 213 3.31 -9.86 9.83
CA PHE A 213 2.59 -11.09 9.52
C PHE A 213 3.19 -11.76 8.29
N THR A 214 3.46 -10.99 7.24
CA THR A 214 4.03 -11.54 6.01
C THR A 214 5.42 -12.15 6.27
N PHE A 215 6.21 -11.46 7.10
CA PHE A 215 7.55 -11.92 7.43
C PHE A 215 7.46 -13.27 8.16
N ASP A 216 6.64 -13.32 9.20
CA ASP A 216 6.48 -14.55 9.96
C ASP A 216 6.00 -15.69 9.08
N LEU A 217 5.08 -15.38 8.16
CA LEU A 217 4.55 -16.41 7.27
C LEU A 217 5.61 -16.92 6.30
N LEU A 218 6.44 -16.03 5.78
CA LEU A 218 7.50 -16.43 4.87
C LEU A 218 8.45 -17.40 5.58
N ILE A 219 8.83 -17.06 6.80
CA ILE A 219 9.74 -17.87 7.57
C ILE A 219 9.23 -19.29 7.80
N LYS A 220 7.91 -19.43 7.95
CA LYS A 220 7.33 -20.75 8.17
C LYS A 220 6.52 -21.25 6.97
N SER A 221 6.61 -20.53 5.86
CA SER A 221 5.86 -20.90 4.66
C SER A 221 5.92 -22.39 4.31
N HIS A 222 7.10 -22.99 4.43
CA HIS A 222 7.27 -24.40 4.11
C HIS A 222 6.50 -25.34 5.05
N MET A 223 6.03 -24.81 6.17
CA MET A 223 5.29 -25.60 7.15
C MET A 223 3.78 -25.48 7.00
N VAL A 224 3.33 -24.48 6.26
CA VAL A 224 1.89 -24.26 6.08
C VAL A 224 1.42 -24.34 4.63
N SER A 225 2.30 -24.80 3.74
CA SER A 225 1.96 -24.94 2.32
C SER A 225 1.58 -23.64 1.63
N VAL A 226 2.27 -22.55 1.98
CA VAL A 226 2.00 -21.26 1.36
C VAL A 226 3.10 -20.96 0.36
N ASP A 227 2.71 -20.63 -0.87
CA ASP A 227 3.65 -20.31 -1.93
C ASP A 227 3.96 -18.83 -2.04
N PHE A 228 5.25 -18.51 -2.09
CA PHE A 228 5.69 -17.12 -2.22
C PHE A 228 6.40 -16.94 -3.55
N PRO A 229 5.91 -16.00 -4.39
CA PRO A 229 6.57 -15.79 -5.68
C PRO A 229 8.00 -15.30 -5.44
N GLU A 230 8.91 -15.66 -6.35
CA GLU A 230 10.31 -15.28 -6.26
C GLU A 230 10.52 -13.83 -5.83
N MET A 231 9.95 -12.92 -6.60
CA MET A 231 10.07 -11.48 -6.36
C MET A 231 9.59 -11.05 -4.97
N MET A 232 8.54 -11.70 -4.46
CA MET A 232 8.00 -11.37 -3.14
C MET A 232 8.92 -11.86 -2.04
N ALA A 233 9.40 -13.09 -2.19
CA ALA A 233 10.30 -13.68 -1.21
C ALA A 233 11.53 -12.80 -1.01
N GLU A 234 11.99 -12.19 -2.10
CA GLU A 234 13.17 -11.33 -2.05
C GLU A 234 12.90 -10.05 -1.26
N ILE A 235 11.83 -9.35 -1.61
CA ILE A 235 11.47 -8.12 -0.91
C ILE A 235 11.23 -8.36 0.56
N ILE A 236 10.43 -9.38 0.86
CA ILE A 236 10.12 -9.71 2.25
C ILE A 236 11.33 -10.12 3.07
N SER A 237 12.30 -10.78 2.44
CA SER A 237 13.49 -11.23 3.16
C SER A 237 14.64 -10.22 3.18
N VAL A 238 14.63 -9.28 2.25
CA VAL A 238 15.70 -8.28 2.18
C VAL A 238 15.29 -6.87 2.62
N GLN A 239 14.15 -6.40 2.14
CA GLN A 239 13.68 -5.05 2.48
C GLN A 239 12.85 -4.97 3.75
N VAL A 240 11.82 -5.81 3.86
CA VAL A 240 10.94 -5.78 5.02
C VAL A 240 11.66 -5.86 6.38
N PRO A 241 12.72 -6.69 6.51
CA PRO A 241 13.38 -6.73 7.81
C PRO A 241 14.07 -5.42 8.20
N LYS A 242 14.39 -4.59 7.21
CA LYS A 242 15.03 -3.30 7.48
C LYS A 242 13.99 -2.42 8.18
N ILE A 243 12.74 -2.60 7.79
CA ILE A 243 11.65 -1.83 8.37
C ILE A 243 11.33 -2.36 9.76
N LEU A 244 11.18 -3.67 9.87
CA LEU A 244 10.86 -4.29 11.15
C LEU A 244 11.93 -4.12 12.22
N SER A 245 13.20 -4.00 11.80
CA SER A 245 14.28 -3.81 12.76
C SER A 245 14.55 -2.34 13.06
N GLY A 246 13.77 -1.45 12.45
CA GLY A 246 13.93 -0.02 12.70
C GLY A 246 14.92 0.75 11.85
N LYS A 247 15.50 0.12 10.84
CA LYS A 247 16.46 0.81 9.98
C LYS A 247 15.77 1.73 8.98
N VAL A 248 14.57 1.34 8.57
CA VAL A 248 13.79 2.11 7.62
C VAL A 248 12.51 2.49 8.35
N LYS A 249 12.21 3.79 8.41
CA LYS A 249 11.02 4.22 9.12
C LYS A 249 10.13 5.18 8.36
N PRO A 250 8.82 5.16 8.67
CA PRO A 250 7.86 6.03 8.01
C PRO A 250 8.01 7.47 8.46
N ILE A 251 7.60 8.40 7.60
CA ILE A 251 7.65 9.81 7.92
C ILE A 251 6.23 10.15 8.32
N TYR A 252 6.00 10.35 9.61
CA TYR A 252 4.68 10.67 10.10
C TYR A 252 4.52 12.19 10.10
N PHE A 253 3.29 12.66 9.92
CA PHE A 253 3.03 14.08 9.96
C PHE A 253 2.87 14.50 11.42
N HIS A 254 2.18 13.65 12.17
CA HIS A 254 1.89 13.92 13.58
C HIS A 254 2.74 13.14 14.58
#